data_4G8I
#
_entry.id   4G8I
#
_cell.length_a   51.273
_cell.length_b   82.355
_cell.length_c   109.601
_cell.angle_alpha   90.00
_cell.angle_beta   90.00
_cell.angle_gamma   90.00
#
_symmetry.space_group_name_H-M   'P 21 21 21'
#
loop_
_entity.id
_entity.type
_entity.pdbx_description
1 polymer 'HLA class I histocompatibility antigen, B-27 alpha chain'
2 polymer Beta-2-microglobulin
3 polymer 'Gag protein'
4 non-polymer 2-AMINO-2-HYDROXYMETHYL-PROPANE-1,3-DIOL
5 water water
#
loop_
_entity_poly.entity_id
_entity_poly.type
_entity_poly.pdbx_seq_one_letter_code
_entity_poly.pdbx_strand_id
1 'polypeptide(L)'
;GSHSMRYFHTSVSRPGRGEPRFITVGYVDDTLFVRFDSDAASPREEPRAPWIEQEGPEYWDRETQICKAKAQTDREDLRT
LLRYYNQSEAGSHTLQNMYGCDVGPDGRLLRGYHQDAYDGKDYIALNEDLSSWTAADTAAQITQRKWEAARVAEQLRAYL
EGECVEWLRRYLENGKETLQRADPPKTHVTHHPISDHEATLRCWALGFYPAEITLTWQRDGEDQTQDTELVETRPAGDRT
FQKWAAVVVPSGEEQRYTCHVQHEGLPKPLTLRWEP
;
A
2 'polypeptide(L)'
;IQRTPKIQVYSRHPAENGKSNFLNCYVSGFHPSDIEVDLLKNGERIEKVEHSDLSFSKDWSFYLLYYTEFTPTEKDEYAC
RVNHVTLSQPKIVKWDRDM
;
B
3 'polypeptide(L)' KRWIIMGLNK C
#
# COMPACT_ATOMS: atom_id res chain seq x y z
N GLY A 1 11.83 -7.88 -16.44
CA GLY A 1 12.31 -6.86 -15.52
C GLY A 1 12.54 -7.39 -14.11
N SER A 2 12.73 -6.48 -13.16
CA SER A 2 12.94 -6.87 -11.78
CA SER A 2 12.94 -6.90 -11.78
C SER A 2 11.61 -7.05 -11.07
N HIS A 3 11.62 -7.83 -9.98
CA HIS A 3 10.38 -8.11 -9.27
C HIS A 3 10.61 -8.17 -7.77
N SER A 4 9.54 -8.14 -7.00
CA SER A 4 9.68 -8.20 -5.55
C SER A 4 8.59 -9.05 -4.94
N MET A 5 8.89 -9.63 -3.78
CA MET A 5 7.85 -10.23 -2.95
C MET A 5 7.96 -9.60 -1.56
N ARG A 6 6.82 -9.27 -0.97
CA ARG A 6 6.81 -8.65 0.34
C ARG A 6 5.67 -9.17 1.17
N TYR A 7 5.95 -9.39 2.45
CA TYR A 7 4.90 -9.62 3.42
C TYR A 7 4.87 -8.48 4.41
N PHE A 8 3.66 -8.00 4.68
CA PHE A 8 3.40 -6.92 5.63
C PHE A 8 2.54 -7.43 6.76
N HIS A 9 2.85 -7.00 7.97
CA HIS A 9 2.13 -7.43 9.17
C HIS A 9 1.85 -6.22 10.04
N THR A 10 0.64 -6.15 10.59
CA THR A 10 0.29 -5.12 11.56
C THR A 10 -0.46 -5.72 12.73
N SER A 11 0.02 -5.46 13.93
CA SER A 11 -0.71 -5.81 15.15
CA SER A 11 -0.71 -5.81 15.15
C SER A 11 -1.05 -4.55 15.91
N VAL A 12 -2.29 -4.45 16.35
CA VAL A 12 -2.75 -3.26 17.05
C VAL A 12 -3.47 -3.66 18.30
N SER A 13 -2.91 -3.33 19.46
CA SER A 13 -3.58 -3.66 20.73
C SER A 13 -4.81 -2.79 20.97
N ARG A 14 -5.77 -3.32 21.72
CA ARG A 14 -7.01 -2.61 22.00
C ARG A 14 -7.47 -2.97 23.40
N PRO A 15 -6.83 -2.38 24.42
CA PRO A 15 -7.15 -2.75 25.80
C PRO A 15 -8.64 -2.64 26.11
N GLY A 16 -9.19 -3.70 26.69
CA GLY A 16 -10.60 -3.70 27.03
C GLY A 16 -11.46 -4.23 25.89
N ARG A 17 -10.87 -4.42 24.72
CA ARG A 17 -11.64 -4.90 23.56
C ARG A 17 -11.04 -6.15 22.92
N GLY A 18 -10.57 -7.05 23.78
CA GLY A 18 -10.03 -8.32 23.32
C GLY A 18 -8.54 -8.27 23.00
N GLU A 19 -8.09 -9.31 22.32
CA GLU A 19 -6.69 -9.44 21.94
C GLU A 19 -6.38 -8.52 20.77
N PRO A 20 -5.09 -8.23 20.55
CA PRO A 20 -4.76 -7.30 19.47
C PRO A 20 -5.24 -7.79 18.11
N ARG A 21 -5.65 -6.86 17.26
CA ARG A 21 -5.99 -7.21 15.89
C ARG A 21 -4.73 -7.45 15.08
N PHE A 22 -4.71 -8.54 14.33
CA PHE A 22 -3.56 -8.87 13.48
C PHE A 22 -4.00 -8.97 12.03
N ILE A 23 -3.35 -8.22 11.15
CA ILE A 23 -3.63 -8.28 9.73
C ILE A 23 -2.33 -8.41 8.98
N THR A 24 -2.24 -9.41 8.13
CA THR A 24 -1.06 -9.56 7.27
C THR A 24 -1.45 -9.78 5.81
N VAL A 25 -0.68 -9.18 4.91
CA VAL A 25 -0.92 -9.31 3.48
C VAL A 25 0.39 -9.61 2.78
N GLY A 26 0.31 -10.33 1.68
CA GLY A 26 1.45 -10.64 0.83
C GLY A 26 1.25 -10.05 -0.54
N TYR A 27 2.33 -9.51 -1.11
CA TYR A 27 2.34 -8.96 -2.45
C TYR A 27 3.44 -9.56 -3.28
N VAL A 28 3.18 -9.74 -4.57
CA VAL A 28 4.25 -9.85 -5.56
C VAL A 28 4.14 -8.58 -6.40
N ASP A 29 5.23 -7.82 -6.46
CA ASP A 29 5.18 -6.50 -7.10
C ASP A 29 4.03 -5.68 -6.51
N ASP A 30 3.14 -5.15 -7.35
CA ASP A 30 2.00 -4.39 -6.84
C ASP A 30 0.70 -5.18 -6.83
N THR A 31 0.83 -6.49 -6.77
CA THR A 31 -0.32 -7.38 -6.78
C THR A 31 -0.49 -8.10 -5.44
N LEU A 32 -1.60 -7.84 -4.76
CA LEU A 32 -1.94 -8.57 -3.53
C LEU A 32 -2.25 -10.01 -3.86
N PHE A 33 -1.67 -10.95 -3.12
CA PHE A 33 -1.98 -12.36 -3.42
C PHE A 33 -2.45 -13.22 -2.25
N VAL A 34 -2.15 -12.80 -1.01
CA VAL A 34 -2.66 -13.51 0.16
C VAL A 34 -2.99 -12.53 1.26
N ARG A 35 -3.93 -12.93 2.12
CA ARG A 35 -4.26 -12.13 3.30
C ARG A 35 -4.65 -13.03 4.48
N PHE A 36 -4.45 -12.51 5.68
CA PHE A 36 -4.95 -13.16 6.89
C PHE A 36 -5.39 -12.05 7.83
N ASP A 37 -6.60 -12.17 8.39
CA ASP A 37 -7.13 -11.18 9.32
C ASP A 37 -7.65 -11.91 10.57
N SER A 38 -7.08 -11.60 11.72
CA SER A 38 -7.42 -12.28 12.98
C SER A 38 -8.88 -12.12 13.39
N ASP A 39 -9.54 -11.11 12.84
CA ASP A 39 -10.94 -10.84 13.21
C ASP A 39 -11.93 -11.54 12.29
N ALA A 40 -11.43 -12.23 11.27
CA ALA A 40 -12.32 -13.01 10.38
C ALA A 40 -12.98 -14.11 11.23
N ALA A 41 -14.14 -14.60 10.80
CA ALA A 41 -14.88 -15.57 11.62
C ALA A 41 -14.06 -16.86 11.85
N SER A 42 -13.53 -17.43 10.78
CA SER A 42 -12.62 -18.55 10.90
C SER A 42 -11.33 -18.21 10.18
N PRO A 43 -10.41 -17.54 10.90
CA PRO A 43 -9.22 -16.94 10.28
C PRO A 43 -8.34 -17.97 9.60
N ARG A 44 -8.12 -17.76 8.31
CA ARG A 44 -7.28 -18.61 7.50
C ARG A 44 -6.51 -17.68 6.58
N GLU A 45 -5.33 -18.13 6.14
CA GLU A 45 -4.69 -17.48 5.00
C GLU A 45 -5.58 -17.69 3.78
N GLU A 46 -5.92 -16.61 3.07
CA GLU A 46 -6.83 -16.68 1.94
C GLU A 46 -6.16 -16.17 0.66
N PRO A 47 -6.48 -16.78 -0.48
CA PRO A 47 -5.94 -16.31 -1.77
C PRO A 47 -6.61 -15.00 -2.22
N ARG A 48 -5.83 -14.14 -2.85
CA ARG A 48 -6.35 -12.88 -3.39
C ARG A 48 -5.94 -12.64 -4.84
N ALA A 49 -5.26 -13.63 -5.43
CA ALA A 49 -4.92 -13.63 -6.85
C ALA A 49 -5.22 -15.01 -7.42
N PRO A 50 -5.60 -15.08 -8.71
CA PRO A 50 -5.97 -16.38 -9.27
C PRO A 50 -4.81 -17.37 -9.34
N TRP A 51 -3.60 -16.89 -9.56
CA TRP A 51 -2.47 -17.79 -9.75
C TRP A 51 -1.98 -18.48 -8.48
N ILE A 52 -2.46 -18.02 -7.33
CA ILE A 52 -2.08 -18.67 -6.08
C ILE A 52 -3.11 -19.72 -5.67
N GLU A 53 -4.28 -19.68 -6.29
CA GLU A 53 -5.36 -20.59 -5.90
C GLU A 53 -5.01 -22.06 -6.11
N GLN A 54 -4.14 -22.32 -7.08
CA GLN A 54 -3.71 -23.68 -7.39
C GLN A 54 -2.83 -24.33 -6.32
N GLU A 55 -2.29 -23.55 -5.39
CA GLU A 55 -1.49 -24.15 -4.34
C GLU A 55 -2.40 -25.07 -3.53
N GLY A 56 -1.87 -26.22 -3.11
CA GLY A 56 -2.67 -27.23 -2.43
C GLY A 56 -2.95 -26.94 -0.98
N PRO A 57 -3.75 -27.79 -0.33
CA PRO A 57 -4.11 -27.55 1.08
C PRO A 57 -2.93 -27.58 2.03
N GLU A 58 -1.84 -28.28 1.72
CA GLU A 58 -0.67 -28.27 2.58
CA GLU A 58 -0.66 -28.27 2.56
C GLU A 58 -0.10 -26.85 2.65
N TYR A 59 -0.06 -26.18 1.50
CA TYR A 59 0.40 -24.79 1.41
C TYR A 59 -0.47 -23.89 2.30
N TRP A 60 -1.79 -23.99 2.13
CA TRP A 60 -2.69 -23.10 2.85
C TRP A 60 -2.69 -23.35 4.35
N ASP A 61 -2.61 -24.62 4.74
CA ASP A 61 -2.53 -24.94 6.16
C ASP A 61 -1.25 -24.38 6.79
N ARG A 62 -0.14 -24.52 6.07
CA ARG A 62 1.14 -24.04 6.59
C ARG A 62 1.20 -22.51 6.65
N GLU A 63 0.76 -21.84 5.59
CA GLU A 63 0.73 -20.37 5.63
C GLU A 63 -0.20 -19.86 6.73
N THR A 64 -1.30 -20.55 6.98
CA THR A 64 -2.21 -20.17 8.05
C THR A 64 -1.53 -20.33 9.41
N GLN A 65 -0.84 -21.45 9.59
CA GLN A 65 -0.04 -21.72 10.79
CA GLN A 65 -0.11 -21.70 10.82
C GLN A 65 0.95 -20.61 11.08
N ILE A 66 1.63 -20.18 10.02
CA ILE A 66 2.67 -19.16 10.18
C ILE A 66 2.05 -17.82 10.57
N CYS A 67 0.96 -17.44 9.92
CA CYS A 67 0.29 -16.20 10.29
C CYS A 67 -0.23 -16.21 11.70
N LYS A 68 -0.85 -17.32 12.11
CA LYS A 68 -1.36 -17.42 13.47
C LYS A 68 -0.22 -17.32 14.48
N ALA A 69 0.92 -17.94 14.15
CA ALA A 69 2.09 -17.89 15.02
C ALA A 69 2.63 -16.47 15.11
N LYS A 70 2.63 -15.75 13.99
CA LYS A 70 3.08 -14.36 14.01
C LYS A 70 2.14 -13.49 14.86
N ALA A 71 0.83 -13.72 14.74
CA ALA A 71 -0.12 -13.03 15.57
C ALA A 71 0.23 -13.24 17.05
N GLN A 72 0.57 -14.46 17.42
CA GLN A 72 0.90 -14.76 18.81
C GLN A 72 2.21 -14.12 19.29
N THR A 73 3.25 -14.21 18.49
CA THR A 73 4.51 -13.56 18.85
C THR A 73 4.33 -12.05 18.97
N ASP A 74 3.54 -11.45 18.07
CA ASP A 74 3.25 -10.03 18.17
C ASP A 74 2.52 -9.66 19.45
N ARG A 75 1.56 -10.49 19.88
CA ARG A 75 0.85 -10.25 21.13
C ARG A 75 1.82 -10.22 22.29
N GLU A 76 2.73 -11.20 22.30
CA GLU A 76 3.76 -11.27 23.32
C GLU A 76 4.67 -10.05 23.25
N ASP A 77 5.06 -9.67 22.04
CA ASP A 77 5.96 -8.53 21.86
C ASP A 77 5.34 -7.19 22.28
N LEU A 78 4.03 -7.03 22.07
CA LEU A 78 3.38 -5.81 22.50
C LEU A 78 3.50 -5.67 24.03
N ARG A 79 3.36 -6.77 24.74
CA ARG A 79 3.50 -6.76 26.20
C ARG A 79 4.93 -6.44 26.60
N THR A 80 5.89 -7.06 25.90
CA THR A 80 7.30 -6.82 26.16
C THR A 80 7.65 -5.36 25.94
N LEU A 81 7.18 -4.80 24.84
CA LEU A 81 7.55 -3.42 24.53
C LEU A 81 6.95 -2.40 25.50
N LEU A 82 5.81 -2.72 26.12
CA LEU A 82 5.29 -1.87 27.20
C LEU A 82 6.34 -1.76 28.32
N ARG A 83 7.00 -2.87 28.61
CA ARG A 83 8.07 -2.86 29.62
C ARG A 83 9.26 -2.05 29.13
N TYR A 84 9.71 -2.29 27.90
CA TYR A 84 10.90 -1.62 27.39
C TYR A 84 10.76 -0.11 27.40
N TYR A 85 9.53 0.37 27.21
CA TYR A 85 9.29 1.80 27.11
C TYR A 85 8.59 2.38 28.32
N ASN A 86 8.48 1.59 29.37
CA ASN A 86 7.87 2.05 30.63
C ASN A 86 6.48 2.62 30.38
N GLN A 87 5.67 1.90 29.61
CA GLN A 87 4.33 2.37 29.25
C GLN A 87 3.23 1.63 30.04
N SER A 88 2.08 2.28 30.19
CA SER A 88 0.95 1.64 30.87
C SER A 88 0.21 0.68 29.96
N GLU A 89 -0.58 -0.22 30.55
CA GLU A 89 -1.37 -1.17 29.79
C GLU A 89 -2.68 -0.58 29.27
N ALA A 90 -2.84 0.74 29.43
CA ALA A 90 -4.11 1.37 29.09
C ALA A 90 -4.27 1.72 27.61
N GLY A 91 -3.17 1.99 26.92
CA GLY A 91 -3.26 2.51 25.56
C GLY A 91 -3.14 1.51 24.44
N SER A 92 -3.56 1.92 23.25
CA SER A 92 -3.37 1.12 22.05
C SER A 92 -1.99 1.39 21.47
N HIS A 93 -1.31 0.31 21.10
CA HIS A 93 0.00 0.40 20.47
C HIS A 93 0.05 -0.46 19.23
N THR A 94 1.01 -0.16 18.36
CA THR A 94 1.08 -0.77 17.03
C THR A 94 2.44 -1.38 16.79
N LEU A 95 2.47 -2.63 16.33
N LEU A 95 2.44 -2.60 16.28
CA LEU A 95 3.70 -3.23 15.81
CA LEU A 95 3.67 -3.28 15.82
C LEU A 95 3.54 -3.54 14.33
C LEU A 95 3.55 -3.58 14.34
N GLN A 96 4.53 -3.13 13.55
CA GLN A 96 4.54 -3.39 12.12
C GLN A 96 5.79 -4.09 11.69
N ASN A 97 5.66 -4.99 10.73
CA ASN A 97 6.81 -5.69 10.17
C ASN A 97 6.64 -5.91 8.69
N MET A 98 7.70 -5.66 7.94
CA MET A 98 7.74 -6.02 6.53
CA MET A 98 7.73 -6.00 6.53
C MET A 98 8.98 -6.83 6.27
N TYR A 99 8.89 -7.85 5.43
CA TYR A 99 10.09 -8.54 4.95
C TYR A 99 9.89 -9.05 3.53
N GLY A 100 10.99 -9.37 2.86
CA GLY A 100 10.88 -9.91 1.52
C GLY A 100 12.13 -9.69 0.70
N CYS A 101 12.01 -9.87 -0.60
CA CYS A 101 13.16 -9.90 -1.50
C CYS A 101 12.87 -9.21 -2.81
N ASP A 102 13.91 -8.62 -3.41
CA ASP A 102 13.86 -8.11 -4.75
C ASP A 102 14.75 -9.01 -5.59
N VAL A 103 14.31 -9.31 -6.82
CA VAL A 103 15.14 -10.09 -7.73
C VAL A 103 15.29 -9.36 -9.05
N GLY A 104 16.39 -9.61 -9.77
CA GLY A 104 16.59 -8.99 -11.06
C GLY A 104 15.93 -9.81 -12.16
N PRO A 105 16.13 -9.39 -13.43
CA PRO A 105 15.56 -10.09 -14.59
C PRO A 105 15.99 -11.55 -14.67
N ASP A 106 17.20 -11.83 -14.23
CA ASP A 106 17.75 -13.19 -14.23
C ASP A 106 17.30 -14.00 -13.02
N GLY A 107 16.51 -13.36 -12.15
CA GLY A 107 15.95 -14.03 -10.99
C GLY A 107 16.88 -14.13 -9.79
N ARG A 108 18.04 -13.50 -9.86
CA ARG A 108 18.96 -13.52 -8.73
C ARG A 108 18.58 -12.48 -7.68
N LEU A 109 18.88 -12.78 -6.41
CA LEU A 109 18.63 -11.83 -5.32
C LEU A 109 19.35 -10.52 -5.55
N LEU A 110 18.58 -9.43 -5.53
CA LEU A 110 19.14 -8.08 -5.60
C LEU A 110 19.30 -7.54 -4.18
N ARG A 111 18.26 -7.75 -3.36
CA ARG A 111 18.21 -7.14 -2.02
CA ARG A 111 18.28 -7.22 -2.01
C ARG A 111 17.23 -7.92 -1.16
N GLY A 112 17.54 -8.11 0.11
CA GLY A 112 16.58 -8.66 1.08
C GLY A 112 16.21 -7.59 2.11
N TYR A 113 15.05 -7.75 2.72
CA TYR A 113 14.52 -6.79 3.69
C TYR A 113 13.91 -7.51 4.88
N HIS A 114 14.07 -6.92 6.06
CA HIS A 114 13.27 -7.33 7.22
C HIS A 114 13.33 -6.19 8.19
N GLN A 115 12.21 -5.51 8.41
CA GLN A 115 12.26 -4.36 9.30
C GLN A 115 11.00 -4.23 10.11
N ASP A 116 11.14 -3.63 11.28
CA ASP A 116 10.06 -3.55 12.26
C ASP A 116 9.93 -2.13 12.75
N ALA A 117 8.70 -1.75 13.10
CA ALA A 117 8.41 -0.45 13.68
C ALA A 117 7.47 -0.62 14.84
N TYR A 118 7.61 0.22 15.85
CA TYR A 118 6.69 0.27 16.98
C TYR A 118 6.10 1.66 17.04
N ASP A 119 4.77 1.72 17.13
CA ASP A 119 4.03 2.99 17.16
C ASP A 119 4.45 3.92 16.02
N GLY A 120 4.70 3.31 14.87
CA GLY A 120 4.93 4.03 13.63
C GLY A 120 6.34 4.57 13.49
N LYS A 121 7.24 4.15 14.36
CA LYS A 121 8.62 4.60 14.31
C LYS A 121 9.53 3.40 14.14
N ASP A 122 10.61 3.56 13.38
CA ASP A 122 11.59 2.49 13.24
C ASP A 122 12.00 1.92 14.59
N TYR A 123 12.00 0.60 14.68
CA TYR A 123 12.43 -0.12 15.88
C TYR A 123 13.74 -0.87 15.62
N ILE A 124 13.68 -1.89 14.76
CA ILE A 124 14.91 -2.61 14.39
C ILE A 124 14.81 -3.08 12.93
N ALA A 125 15.93 -3.04 12.21
CA ALA A 125 15.95 -3.49 10.83
C ALA A 125 17.18 -4.34 10.57
N LEU A 126 17.01 -5.38 9.74
CA LEU A 126 18.14 -6.11 9.19
C LEU A 126 18.84 -5.23 8.17
N ASN A 127 20.17 -5.15 8.26
CA ASN A 127 20.92 -4.36 7.29
C ASN A 127 21.00 -5.08 5.96
N GLU A 128 21.39 -4.34 4.93
CA GLU A 128 21.46 -4.87 3.57
C GLU A 128 22.42 -6.05 3.45
N ASP A 129 23.42 -6.10 4.33
CA ASP A 129 24.33 -7.25 4.37
C ASP A 129 23.68 -8.57 4.78
N LEU A 130 22.44 -8.48 5.27
CA LEU A 130 21.69 -9.62 5.80
C LEU A 130 22.46 -10.33 6.92
N SER A 131 23.27 -9.59 7.65
CA SER A 131 24.06 -10.20 8.72
C SER A 131 24.15 -9.36 10.00
N SER A 132 23.84 -8.08 9.91
CA SER A 132 23.85 -7.19 11.08
C SER A 132 22.55 -6.42 11.20
N TRP A 133 22.34 -5.80 12.36
CA TRP A 133 21.11 -5.10 12.67
C TRP A 133 21.33 -3.62 12.94
N THR A 134 20.32 -2.81 12.64
CA THR A 134 20.29 -1.42 13.06
C THR A 134 19.13 -1.23 14.03
N ALA A 135 19.46 -0.92 15.28
CA ALA A 135 18.46 -0.69 16.33
C ALA A 135 18.30 0.80 16.55
N ALA A 136 17.06 1.27 16.65
CA ALA A 136 16.77 2.70 16.64
C ALA A 136 16.99 3.39 17.98
N ASP A 137 16.96 2.59 19.05
CA ASP A 137 17.02 3.13 20.40
C ASP A 137 17.47 2.06 21.40
N THR A 138 17.55 2.41 22.69
CA THR A 138 18.08 1.45 23.65
C THR A 138 17.16 0.26 23.92
N ALA A 139 15.86 0.43 23.64
CA ALA A 139 14.93 -0.68 23.77
C ALA A 139 15.21 -1.68 22.67
N ALA A 140 15.31 -1.17 21.45
CA ALA A 140 15.57 -2.03 20.31
C ALA A 140 16.94 -2.70 20.43
N GLN A 141 17.88 -2.08 21.15
CA GLN A 141 19.16 -2.75 21.38
C GLN A 141 19.00 -4.04 22.21
N ILE A 142 18.03 -4.09 23.11
CA ILE A 142 17.74 -5.34 23.81
C ILE A 142 17.30 -6.44 22.86
N THR A 143 16.38 -6.11 21.94
CA THR A 143 16.01 -7.06 20.93
C THR A 143 17.20 -7.50 20.09
N GLN A 144 18.04 -6.53 19.69
CA GLN A 144 19.21 -6.82 18.89
C GLN A 144 20.11 -7.84 19.58
N ARG A 145 20.31 -7.65 20.89
CA ARG A 145 21.12 -8.57 21.67
C ARG A 145 20.51 -9.97 21.66
N LYS A 146 19.19 -10.04 21.84
CA LYS A 146 18.50 -11.33 21.80
C LYS A 146 18.60 -12.02 20.45
N TRP A 147 18.50 -11.23 19.39
CA TRP A 147 18.45 -11.80 18.06
C TRP A 147 19.83 -12.21 17.58
N GLU A 148 20.84 -11.49 18.06
CA GLU A 148 22.23 -11.88 17.82
C GLU A 148 22.54 -13.21 18.52
N ALA A 149 22.04 -13.38 19.73
CA ALA A 149 22.24 -14.61 20.49
C ALA A 149 21.49 -15.81 19.90
N ALA A 150 20.38 -15.55 19.21
CA ALA A 150 19.58 -16.63 18.63
C ALA A 150 19.96 -16.88 17.17
N ARG A 151 20.95 -16.12 16.69
CA ARG A 151 21.41 -16.23 15.31
C ARG A 151 20.27 -16.03 14.32
N VAL A 152 19.42 -15.05 14.62
CA VAL A 152 18.28 -14.74 13.77
C VAL A 152 18.72 -14.34 12.36
N ALA A 153 19.74 -13.50 12.27
CA ALA A 153 20.16 -12.98 10.98
C ALA A 153 20.59 -14.09 10.01
N GLU A 154 21.30 -15.09 10.52
CA GLU A 154 21.75 -16.20 9.69
CA GLU A 154 21.74 -16.22 9.70
C GLU A 154 20.56 -16.97 9.10
N GLN A 155 19.51 -17.15 9.90
CA GLN A 155 18.33 -17.87 9.42
C GLN A 155 17.55 -17.02 8.42
N LEU A 156 17.50 -15.72 8.68
CA LEU A 156 16.78 -14.80 7.80
C LEU A 156 17.49 -14.74 6.46
N ARG A 157 18.82 -14.66 6.50
CA ARG A 157 19.58 -14.64 5.27
C ARG A 157 19.32 -15.90 4.46
N ALA A 158 19.26 -17.05 5.14
CA ALA A 158 19.01 -18.31 4.48
C ALA A 158 17.66 -18.27 3.77
N TYR A 159 16.65 -17.72 4.43
CA TYR A 159 15.33 -17.60 3.83
C TYR A 159 15.33 -16.65 2.65
N LEU A 160 15.93 -15.47 2.84
CA LEU A 160 15.89 -14.43 1.81
C LEU A 160 16.61 -14.85 0.54
N GLU A 161 17.74 -15.53 0.71
CA GLU A 161 18.53 -15.98 -0.42
C GLU A 161 17.98 -17.27 -1.04
N GLY A 162 17.15 -17.98 -0.28
CA GLY A 162 16.67 -19.28 -0.71
C GLY A 162 15.20 -19.28 -1.09
N GLU A 163 14.35 -19.69 -0.17
CA GLU A 163 12.92 -19.81 -0.41
C GLU A 163 12.29 -18.55 -0.97
N CYS A 164 12.69 -17.39 -0.46
CA CYS A 164 12.04 -16.15 -0.87
C CYS A 164 12.19 -15.98 -2.38
N VAL A 165 13.41 -16.12 -2.88
N VAL A 165 13.42 -16.11 -2.84
CA VAL A 165 13.63 -15.93 -4.30
CA VAL A 165 13.74 -15.97 -4.26
C VAL A 165 13.08 -17.09 -5.11
C VAL A 165 13.09 -17.08 -5.07
N GLU A 166 13.20 -18.31 -4.59
CA GLU A 166 12.71 -19.48 -5.29
CA GLU A 166 12.71 -19.48 -5.29
C GLU A 166 11.19 -19.46 -5.46
N TRP A 167 10.48 -19.10 -4.39
CA TRP A 167 9.02 -19.03 -4.49
C TRP A 167 8.56 -17.80 -5.26
N LEU A 168 9.29 -16.70 -5.17
CA LEU A 168 8.97 -15.56 -6.02
C LEU A 168 9.05 -15.98 -7.49
N ARG A 169 10.08 -16.73 -7.84
CA ARG A 169 10.22 -17.19 -9.22
CA ARG A 169 10.24 -17.22 -9.21
C ARG A 169 9.06 -18.10 -9.61
N ARG A 170 8.65 -18.96 -8.68
CA ARG A 170 7.50 -19.84 -8.91
C ARG A 170 6.24 -19.03 -9.17
N TYR A 171 5.97 -18.05 -8.31
CA TYR A 171 4.78 -17.23 -8.48
C TYR A 171 4.80 -16.47 -9.80
N LEU A 172 5.96 -15.92 -10.16
CA LEU A 172 6.08 -15.15 -11.40
C LEU A 172 5.76 -16.00 -12.62
N GLU A 173 6.20 -17.25 -12.61
CA GLU A 173 5.85 -18.17 -13.70
C GLU A 173 4.36 -18.54 -13.71
N ASN A 174 3.83 -18.93 -12.56
CA ASN A 174 2.43 -19.34 -12.48
C ASN A 174 1.49 -18.17 -12.79
N GLY A 175 1.89 -16.98 -12.38
CA GLY A 175 1.07 -15.81 -12.64
C GLY A 175 1.54 -14.96 -13.80
N LYS A 176 2.26 -15.56 -14.75
CA LYS A 176 2.91 -14.75 -15.79
C LYS A 176 1.96 -13.92 -16.65
N GLU A 177 0.73 -14.40 -16.81
CA GLU A 177 -0.28 -13.67 -17.58
C GLU A 177 -0.45 -12.25 -17.07
N THR A 178 -0.41 -12.08 -15.75
CA THR A 178 -0.64 -10.76 -15.18
C THR A 178 0.65 -10.17 -14.61
N LEU A 179 1.39 -10.97 -13.85
CA LEU A 179 2.56 -10.46 -13.15
C LEU A 179 3.65 -9.99 -14.10
N GLN A 180 3.69 -10.57 -15.30
CA GLN A 180 4.71 -10.23 -16.29
C GLN A 180 4.14 -9.46 -17.46
N ARG A 181 2.99 -8.82 -17.25
CA ARG A 181 2.40 -7.93 -18.22
C ARG A 181 2.30 -6.55 -17.65
N ALA A 182 2.87 -5.57 -18.34
CA ALA A 182 2.70 -4.17 -17.97
C ALA A 182 1.56 -3.60 -18.80
N ASP A 183 0.64 -2.91 -18.14
CA ASP A 183 -0.47 -2.26 -18.82
C ASP A 183 -0.14 -0.78 -18.89
N PRO A 184 0.00 -0.23 -20.11
CA PRO A 184 0.48 1.15 -20.18
C PRO A 184 -0.64 2.11 -19.81
N PRO A 185 -0.29 3.35 -19.44
CA PRO A 185 -1.37 4.26 -19.04
C PRO A 185 -2.17 4.73 -20.25
N LYS A 186 -3.47 4.90 -20.06
CA LYS A 186 -4.30 5.64 -21.01
C LYS A 186 -4.21 7.09 -20.57
N THR A 187 -3.77 7.96 -21.48
CA THR A 187 -3.46 9.32 -21.08
C THR A 187 -4.33 10.34 -21.80
N HIS A 188 -4.65 11.43 -21.10
CA HIS A 188 -5.29 12.58 -21.73
C HIS A 188 -4.99 13.86 -20.94
N VAL A 189 -5.17 15.02 -21.58
CA VAL A 189 -4.95 16.31 -20.92
C VAL A 189 -6.26 17.09 -20.91
N THR A 190 -6.68 17.56 -19.75
CA THR A 190 -7.93 18.30 -19.62
C THR A 190 -7.67 19.74 -19.17
N HIS A 191 -8.64 20.61 -19.43
CA HIS A 191 -8.48 22.05 -19.22
C HIS A 191 -9.63 22.54 -18.36
N HIS A 192 -9.31 23.22 -17.26
CA HIS A 192 -10.31 23.62 -16.29
C HIS A 192 -10.16 25.08 -15.94
N PRO A 193 -11.00 25.94 -16.53
CA PRO A 193 -10.95 27.39 -16.26
C PRO A 193 -11.06 27.71 -14.76
N ILE A 194 -10.24 28.65 -14.31
CA ILE A 194 -10.28 29.11 -12.93
C ILE A 194 -10.85 30.52 -12.92
N SER A 195 -10.24 31.39 -13.72
CA SER A 195 -10.64 32.77 -13.87
C SER A 195 -10.37 33.25 -15.29
N ASP A 196 -10.52 34.56 -15.51
CA ASP A 196 -10.22 35.16 -16.80
C ASP A 196 -8.77 34.92 -17.20
N HIS A 197 -7.89 34.96 -16.21
CA HIS A 197 -6.45 35.04 -16.47
C HIS A 197 -5.75 33.69 -16.35
N GLU A 198 -6.43 32.69 -15.81
CA GLU A 198 -5.77 31.39 -15.62
C GLU A 198 -6.68 30.16 -15.67
N ALA A 199 -6.07 29.03 -15.95
CA ALA A 199 -6.78 27.77 -16.06
C ALA A 199 -5.89 26.63 -15.59
N THR A 200 -6.51 25.51 -15.22
CA THR A 200 -5.75 24.33 -14.82
C THR A 200 -5.58 23.37 -15.99
N LEU A 201 -4.34 22.96 -16.25
CA LEU A 201 -4.09 21.86 -17.18
C LEU A 201 -3.84 20.61 -16.33
N ARG A 202 -4.62 19.56 -16.54
CA ARG A 202 -4.48 18.33 -15.77
C ARG A 202 -4.11 17.17 -16.71
N CYS A 203 -2.98 16.53 -16.43
CA CYS A 203 -2.50 15.42 -17.26
C CYS A 203 -2.85 14.12 -16.55
N TRP A 204 -3.60 13.26 -17.22
CA TRP A 204 -4.12 12.03 -16.61
C TRP A 204 -3.37 10.80 -17.08
N ALA A 205 -3.18 9.85 -16.17
CA ALA A 205 -2.70 8.51 -16.51
C ALA A 205 -3.63 7.52 -15.84
N LEU A 206 -4.30 6.68 -16.62
CA LEU A 206 -5.32 5.79 -16.10
C LEU A 206 -5.07 4.36 -16.53
N GLY A 207 -5.44 3.41 -15.68
CA GLY A 207 -5.45 2.00 -16.03
C GLY A 207 -4.09 1.35 -16.19
N PHE A 208 -3.09 1.87 -15.51
CA PHE A 208 -1.74 1.34 -15.68
C PHE A 208 -1.30 0.34 -14.59
N TYR A 209 -0.34 -0.50 -14.95
CA TYR A 209 0.26 -1.46 -14.03
C TYR A 209 1.65 -1.74 -14.56
N PRO A 210 2.66 -1.79 -13.68
CA PRO A 210 2.60 -1.60 -12.24
C PRO A 210 2.47 -0.13 -11.88
N ALA A 211 2.49 0.16 -10.59
CA ALA A 211 2.21 1.50 -10.11
C ALA A 211 3.25 2.55 -10.45
N GLU A 212 4.50 2.13 -10.58
CA GLU A 212 5.62 3.04 -10.87
C GLU A 212 5.32 3.86 -12.14
N ILE A 213 5.35 5.18 -12.03
CA ILE A 213 5.07 6.05 -13.18
C ILE A 213 5.67 7.43 -12.92
N THR A 214 6.03 8.13 -13.99
CA THR A 214 6.51 9.49 -13.86
C THR A 214 5.65 10.41 -14.72
N LEU A 215 5.06 11.41 -14.08
CA LEU A 215 4.25 12.41 -14.78
C LEU A 215 4.86 13.76 -14.47
N THR A 216 5.25 14.49 -15.50
CA THR A 216 5.84 15.82 -15.29
C THR A 216 5.28 16.82 -16.31
N TRP A 217 5.13 18.06 -15.87
CA TRP A 217 4.74 19.14 -16.76
C TRP A 217 5.96 19.97 -17.09
N GLN A 218 6.09 20.36 -18.35
CA GLN A 218 7.13 21.30 -18.73
C GLN A 218 6.52 22.57 -19.28
N ARG A 219 7.16 23.70 -18.99
CA ARG A 219 6.79 24.97 -19.61
C ARG A 219 7.94 25.43 -20.49
N ASP A 220 7.77 25.36 -21.80
CA ASP A 220 8.84 25.68 -22.75
C ASP A 220 10.08 24.84 -22.45
N GLY A 221 9.86 23.54 -22.28
CA GLY A 221 10.94 22.60 -22.02
C GLY A 221 11.48 22.59 -20.60
N GLU A 222 10.99 23.50 -19.76
CA GLU A 222 11.49 23.54 -18.38
C GLU A 222 10.54 22.86 -17.39
N ASP A 223 11.10 22.02 -16.52
CA ASP A 223 10.30 21.29 -15.54
C ASP A 223 9.62 22.23 -14.56
N GLN A 224 8.31 22.04 -14.37
CA GLN A 224 7.53 22.86 -13.46
C GLN A 224 7.37 22.18 -12.10
N THR A 225 8.47 21.62 -11.61
CA THR A 225 8.47 20.86 -10.36
C THR A 225 7.75 21.62 -9.24
N GLN A 226 8.14 22.86 -9.02
CA GLN A 226 7.64 23.64 -7.90
C GLN A 226 6.15 24.01 -8.02
N ASP A 227 5.65 24.10 -9.25
CA ASP A 227 4.27 24.54 -9.47
C ASP A 227 3.33 23.43 -9.93
N THR A 228 3.78 22.19 -9.87
CA THR A 228 2.93 21.07 -10.27
C THR A 228 2.26 20.42 -9.08
N GLU A 229 0.95 20.27 -9.14
CA GLU A 229 0.24 19.46 -8.15
C GLU A 229 0.23 18.03 -8.65
N LEU A 230 0.82 17.14 -7.86
CA LEU A 230 0.94 15.74 -8.24
C LEU A 230 0.21 14.92 -7.18
N VAL A 231 -0.90 14.28 -7.54
CA VAL A 231 -1.57 13.44 -6.54
C VAL A 231 -0.86 12.11 -6.38
N GLU A 232 -1.02 11.52 -5.20
CA GLU A 232 -0.45 10.21 -4.93
C GLU A 232 -1.08 9.20 -5.88
N THR A 233 -0.26 8.30 -6.40
CA THR A 233 -0.74 7.23 -7.24
C THR A 233 -1.79 6.44 -6.44
N ARG A 234 -2.93 6.15 -7.08
CA ARG A 234 -4.06 5.58 -6.36
C ARG A 234 -4.59 4.34 -7.08
N PRO A 235 -5.11 3.38 -6.31
CA PRO A 235 -5.64 2.14 -6.91
C PRO A 235 -7.03 2.34 -7.50
N ALA A 236 -7.24 1.78 -8.68
CA ALA A 236 -8.54 1.87 -9.34
C ALA A 236 -9.49 0.81 -8.77
N GLY A 237 -8.91 -0.24 -8.21
CA GLY A 237 -9.68 -1.32 -7.61
C GLY A 237 -9.75 -2.58 -8.47
N ASP A 238 -9.15 -2.53 -9.67
CA ASP A 238 -9.19 -3.62 -10.64
C ASP A 238 -7.79 -4.06 -11.08
N ARG A 239 -6.84 -4.03 -10.14
CA ARG A 239 -5.41 -4.27 -10.36
CA ARG A 239 -5.41 -4.27 -10.36
C ARG A 239 -4.64 -3.02 -10.77
N THR A 240 -5.28 -2.14 -11.54
CA THR A 240 -4.59 -0.98 -12.10
C THR A 240 -4.56 0.25 -11.21
N PHE A 241 -3.79 1.25 -11.65
CA PHE A 241 -3.55 2.47 -10.89
C PHE A 241 -3.86 3.71 -11.72
N GLN A 242 -4.01 4.83 -11.02
CA GLN A 242 -4.32 6.11 -11.64
C GLN A 242 -3.45 7.20 -11.05
N LYS A 243 -3.17 8.25 -11.82
CA LYS A 243 -2.43 9.38 -11.29
C LYS A 243 -2.73 10.58 -12.17
N TRP A 244 -2.62 11.76 -11.59
CA TRP A 244 -2.63 12.97 -12.40
C TRP A 244 -1.67 14.04 -11.90
N ALA A 245 -1.29 14.92 -12.82
CA ALA A 245 -0.41 16.05 -12.52
C ALA A 245 -1.06 17.30 -13.08
N ALA A 246 -1.06 18.37 -12.30
CA ALA A 246 -1.74 19.59 -12.74
C ALA A 246 -0.87 20.84 -12.57
N VAL A 247 -1.02 21.76 -13.52
CA VAL A 247 -0.38 23.07 -13.45
C VAL A 247 -1.43 24.14 -13.73
N VAL A 248 -1.25 25.30 -13.10
CA VAL A 248 -2.10 26.47 -13.35
C VAL A 248 -1.37 27.34 -14.38
N VAL A 249 -2.02 27.55 -15.52
CA VAL A 249 -1.38 28.23 -16.64
C VAL A 249 -2.09 29.55 -16.96
N PRO A 250 -1.30 30.61 -17.25
CA PRO A 250 -1.92 31.86 -17.69
C PRO A 250 -2.63 31.61 -19.00
N SER A 251 -3.91 31.99 -19.12
CA SER A 251 -4.68 31.73 -20.33
C SER A 251 -4.02 32.38 -21.54
N GLY A 252 -3.64 31.54 -22.50
CA GLY A 252 -2.92 31.98 -23.69
C GLY A 252 -1.59 31.27 -23.83
N GLU A 253 -1.01 30.87 -22.70
CA GLU A 253 0.30 30.23 -22.71
C GLU A 253 0.23 28.70 -22.66
N GLU A 254 -0.94 28.15 -22.91
CA GLU A 254 -1.14 26.69 -22.84
C GLU A 254 -0.13 25.89 -23.65
N GLN A 255 0.23 26.39 -24.83
CA GLN A 255 1.10 25.63 -25.71
C GLN A 255 2.56 25.63 -25.30
N ARG A 256 2.90 26.47 -24.33
CA ARG A 256 4.23 26.45 -23.75
C ARG A 256 4.34 25.25 -22.81
N TYR A 257 3.22 24.55 -22.60
CA TYR A 257 3.13 23.41 -21.67
C TYR A 257 2.97 22.05 -22.33
N THR A 258 3.80 21.09 -21.94
CA THR A 258 3.65 19.70 -22.36
C THR A 258 3.73 18.76 -21.17
N CYS A 259 2.93 17.70 -21.20
CA CYS A 259 2.97 16.70 -20.16
C CYS A 259 3.77 15.50 -20.63
N HIS A 260 4.68 15.02 -19.78
CA HIS A 260 5.52 13.88 -20.13
C HIS A 260 5.22 12.67 -19.26
N VAL A 261 5.06 11.52 -19.89
CA VAL A 261 4.66 10.31 -19.20
C VAL A 261 5.69 9.20 -19.40
N GLN A 262 6.29 8.73 -18.31
CA GLN A 262 7.19 7.59 -18.37
C GLN A 262 6.57 6.42 -17.61
N HIS A 263 6.48 5.27 -18.27
CA HIS A 263 5.97 4.05 -17.64
C HIS A 263 6.64 2.88 -18.33
N GLU A 264 6.97 1.84 -17.58
CA GLU A 264 7.65 0.67 -18.16
C GLU A 264 6.84 0.01 -19.26
N GLY A 265 5.54 0.29 -19.30
CA GLY A 265 4.68 -0.19 -20.37
C GLY A 265 4.72 0.71 -21.60
N LEU A 266 5.54 1.74 -21.54
CA LEU A 266 5.69 2.68 -22.65
C LEU A 266 7.09 2.56 -23.28
N PRO A 267 7.15 2.12 -24.55
CA PRO A 267 8.43 2.01 -25.27
C PRO A 267 9.18 3.33 -25.31
N LYS A 268 8.50 4.39 -25.75
CA LYS A 268 9.04 5.75 -25.72
C LYS A 268 8.27 6.54 -24.66
N PRO A 269 8.97 7.35 -23.87
CA PRO A 269 8.22 8.26 -22.98
C PRO A 269 7.30 9.14 -23.81
N LEU A 270 6.10 9.42 -23.28
CA LEU A 270 5.08 10.13 -24.05
C LEU A 270 5.16 11.64 -23.87
N THR A 271 4.68 12.36 -24.87
CA THR A 271 4.60 13.81 -24.82
C THR A 271 3.18 14.23 -25.19
N LEU A 272 2.48 14.83 -24.24
CA LEU A 272 1.10 15.21 -24.45
C LEU A 272 0.95 16.72 -24.39
N ARG A 273 0.06 17.24 -25.23
CA ARG A 273 -0.28 18.64 -25.17
C ARG A 273 -1.76 18.80 -24.96
N TRP A 274 -2.13 19.94 -24.41
CA TRP A 274 -3.53 20.32 -24.31
C TRP A 274 -4.07 20.58 -25.71
N GLU A 275 -5.26 20.04 -25.99
CA GLU A 275 -5.98 20.33 -27.23
C GLU A 275 -7.47 20.55 -26.93
N PRO A 276 -7.96 21.79 -27.18
CA PRO A 276 -9.32 22.29 -26.97
C PRO A 276 -10.47 21.39 -27.44
N ILE B 1 3.45 9.45 17.99
CA ILE B 1 3.29 10.18 16.74
C ILE B 1 1.93 9.97 16.08
N GLN B 2 1.42 11.03 15.46
CA GLN B 2 0.16 10.93 14.73
C GLN B 2 0.35 11.55 13.36
N ARG B 3 -0.27 10.92 12.35
CA ARG B 3 -0.18 11.42 10.98
CA ARG B 3 -0.17 11.38 10.97
C ARG B 3 -1.59 11.47 10.41
N THR B 4 -1.96 12.62 9.86
CA THR B 4 -3.34 12.79 9.40
C THR B 4 -3.52 12.20 7.99
N PRO B 5 -4.69 11.58 7.73
CA PRO B 5 -4.89 10.90 6.45
C PRO B 5 -4.98 11.85 5.27
N LYS B 6 -4.37 11.46 4.16
CA LYS B 6 -4.68 12.08 2.87
C LYS B 6 -5.93 11.38 2.35
N ILE B 7 -6.76 12.12 1.61
CA ILE B 7 -8.00 11.54 1.12
C ILE B 7 -8.17 11.86 -0.36
N GLN B 8 -8.50 10.83 -1.16
CA GLN B 8 -8.89 11.03 -2.55
C GLN B 8 -10.18 10.28 -2.83
N VAL B 9 -11.12 10.97 -3.48
CA VAL B 9 -12.40 10.39 -3.87
C VAL B 9 -12.52 10.46 -5.39
N TYR B 10 -12.85 9.33 -6.00
CA TYR B 10 -12.75 9.18 -7.45
C TYR B 10 -13.43 7.91 -7.92
N SER B 11 -13.63 7.79 -9.22
CA SER B 11 -14.27 6.60 -9.77
C SER B 11 -13.25 5.67 -10.45
N ARG B 12 -13.58 4.39 -10.54
CA ARG B 12 -12.69 3.44 -11.19
C ARG B 12 -12.52 3.73 -12.67
N HIS B 13 -13.63 4.06 -13.31
CA HIS B 13 -13.66 4.38 -14.74
C HIS B 13 -14.14 5.82 -14.90
N PRO B 14 -13.87 6.42 -16.07
CA PRO B 14 -14.40 7.78 -16.29
C PRO B 14 -15.91 7.81 -16.09
N ALA B 15 -16.40 8.85 -15.42
CA ALA B 15 -17.81 8.89 -15.05
C ALA B 15 -18.68 9.23 -16.24
N GLU B 16 -19.68 8.40 -16.47
CA GLU B 16 -20.70 8.65 -17.49
CA GLU B 16 -20.68 8.66 -17.49
C GLU B 16 -22.07 8.43 -16.87
N ASN B 17 -22.84 9.51 -16.75
CA ASN B 17 -24.18 9.43 -16.17
C ASN B 17 -24.97 8.23 -16.70
N GLY B 18 -25.53 7.43 -15.80
CA GLY B 18 -26.32 6.27 -16.19
C GLY B 18 -25.55 4.99 -16.41
N LYS B 19 -24.23 5.05 -16.23
CA LYS B 19 -23.39 3.87 -16.45
C LYS B 19 -22.77 3.37 -15.14
N SER B 20 -22.88 2.07 -14.88
CA SER B 20 -22.38 1.49 -13.63
C SER B 20 -20.87 1.65 -13.53
N ASN B 21 -20.41 1.95 -12.32
CA ASN B 21 -19.01 2.32 -12.09
C ASN B 21 -18.72 1.94 -10.64
N PHE B 22 -17.52 2.27 -10.16
CA PHE B 22 -17.20 2.10 -8.74
C PHE B 22 -16.77 3.42 -8.16
N LEU B 23 -17.27 3.74 -6.96
CA LEU B 23 -16.85 4.94 -6.26
C LEU B 23 -15.80 4.55 -5.24
N ASN B 24 -14.65 5.22 -5.30
CA ASN B 24 -13.51 4.89 -4.45
C ASN B 24 -13.19 6.02 -3.49
N CYS B 25 -12.85 5.69 -2.24
CA CYS B 25 -12.22 6.64 -1.35
C CYS B 25 -10.93 5.99 -0.85
N TYR B 26 -9.82 6.58 -1.26
CA TYR B 26 -8.51 6.08 -0.91
C TYR B 26 -7.96 6.94 0.22
N VAL B 27 -7.69 6.32 1.37
CA VAL B 27 -7.17 7.07 2.50
C VAL B 27 -5.76 6.55 2.79
N SER B 28 -4.82 7.47 2.98
CA SER B 28 -3.43 7.06 3.08
C SER B 28 -2.60 8.01 3.91
N GLY B 29 -1.38 7.58 4.24
CA GLY B 29 -0.44 8.41 4.95
C GLY B 29 -0.78 8.64 6.41
N PHE B 30 -1.65 7.80 6.97
CA PHE B 30 -2.12 8.04 8.34
C PHE B 30 -1.53 7.11 9.39
N HIS B 31 -1.55 7.60 10.63
CA HIS B 31 -1.12 6.83 11.78
CA HIS B 31 -1.15 6.82 11.79
C HIS B 31 -1.69 7.51 13.03
N PRO B 32 -2.29 6.74 13.97
CA PRO B 32 -2.45 5.28 14.00
C PRO B 32 -3.46 4.75 12.98
N SER B 33 -3.66 3.44 12.98
CA SER B 33 -4.44 2.78 11.94
C SER B 33 -5.94 2.87 12.11
N ASP B 34 -6.41 3.20 13.31
CA ASP B 34 -7.84 3.35 13.58
CA ASP B 34 -7.84 3.31 13.53
C ASP B 34 -8.38 4.50 12.75
N ILE B 35 -9.42 4.23 11.96
CA ILE B 35 -9.98 5.28 11.11
C ILE B 35 -11.40 4.92 10.78
N GLU B 36 -12.25 5.93 10.62
CA GLU B 36 -13.62 5.70 10.21
C GLU B 36 -13.79 6.33 8.84
N VAL B 37 -14.29 5.54 7.89
CA VAL B 37 -14.51 6.04 6.54
C VAL B 37 -15.91 5.69 6.06
N ASP B 38 -16.67 6.70 5.63
CA ASP B 38 -17.98 6.46 5.04
C ASP B 38 -18.08 7.07 3.65
N LEU B 39 -18.80 6.38 2.78
CA LEU B 39 -19.16 6.92 1.47
C LEU B 39 -20.58 7.46 1.57
N LEU B 40 -20.80 8.68 1.04
CA LEU B 40 -22.09 9.32 1.17
C LEU B 40 -22.76 9.52 -0.18
N LYS B 41 -24.08 9.32 -0.22
CA LYS B 41 -24.87 9.68 -1.39
C LYS B 41 -25.87 10.74 -0.96
N ASN B 42 -25.71 11.95 -1.50
CA ASN B 42 -26.56 13.08 -1.16
C ASN B 42 -26.59 13.37 0.35
N GLY B 43 -25.43 13.21 0.97
CA GLY B 43 -25.27 13.52 2.38
C GLY B 43 -25.51 12.34 3.32
N GLU B 44 -26.06 11.26 2.78
CA GLU B 44 -26.43 10.10 3.60
C GLU B 44 -25.49 8.92 3.40
N ARG B 45 -25.21 8.19 4.48
CA ARG B 45 -24.26 7.07 4.43
C ARG B 45 -24.69 5.94 3.50
N ILE B 46 -23.79 5.54 2.61
CA ILE B 46 -24.06 4.42 1.72
C ILE B 46 -23.84 3.13 2.51
N GLU B 47 -24.77 2.19 2.37
CA GLU B 47 -24.75 1.01 3.23
C GLU B 47 -23.70 -0.03 2.85
N LYS B 48 -23.75 -0.50 1.61
CA LYS B 48 -22.84 -1.57 1.22
C LYS B 48 -21.53 -1.02 0.69
N VAL B 49 -20.57 -0.84 1.60
CA VAL B 49 -19.25 -0.33 1.24
C VAL B 49 -18.19 -1.30 1.72
N GLU B 50 -17.29 -1.69 0.82
CA GLU B 50 -16.25 -2.67 1.13
C GLU B 50 -14.92 -1.97 1.27
N HIS B 51 -13.93 -2.63 1.87
CA HIS B 51 -12.62 -2.02 1.95
C HIS B 51 -11.50 -3.04 1.87
N SER B 52 -10.32 -2.54 1.49
CA SER B 52 -9.14 -3.38 1.35
C SER B 52 -8.60 -3.75 2.72
N ASP B 53 -7.68 -4.70 2.75
CA ASP B 53 -7.04 -5.08 3.99
C ASP B 53 -5.92 -4.09 4.31
N LEU B 54 -5.82 -3.69 5.58
CA LEU B 54 -4.83 -2.73 6.04
C LEU B 54 -3.41 -3.10 5.59
N SER B 55 -2.74 -2.12 4.98
CA SER B 55 -1.33 -2.30 4.67
C SER B 55 -0.65 -0.96 4.86
N PHE B 56 0.64 -0.91 4.58
CA PHE B 56 1.38 0.31 4.85
C PHE B 56 2.49 0.56 3.85
N SER B 57 2.91 1.83 3.82
CA SER B 57 3.92 2.31 2.88
C SER B 57 5.31 2.25 3.50
N LYS B 58 6.31 2.64 2.73
CA LYS B 58 7.69 2.54 3.20
C LYS B 58 7.97 3.36 4.46
N ASP B 59 7.25 4.46 4.64
CA ASP B 59 7.39 5.28 5.83
C ASP B 59 6.52 4.83 7.01
N TRP B 60 5.98 3.62 6.89
CA TRP B 60 5.14 2.99 7.92
C TRP B 60 3.71 3.50 8.00
N SER B 61 3.36 4.49 7.20
CA SER B 61 2.02 5.07 7.30
C SER B 61 1.04 4.16 6.58
N PHE B 62 -0.20 4.13 7.05
CA PHE B 62 -1.19 3.16 6.56
C PHE B 62 -1.96 3.67 5.37
N TYR B 63 -2.54 2.75 4.60
CA TYR B 63 -3.49 3.11 3.54
C TYR B 63 -4.59 2.07 3.41
N LEU B 64 -5.76 2.53 2.99
CA LEU B 64 -6.94 1.69 2.81
C LEU B 64 -7.71 2.21 1.61
N LEU B 65 -8.35 1.32 0.87
CA LEU B 65 -9.29 1.70 -0.19
C LEU B 65 -10.69 1.28 0.23
N TYR B 66 -11.61 2.24 0.28
CA TYR B 66 -13.02 1.96 0.51
C TYR B 66 -13.73 2.14 -0.81
N TYR B 67 -14.67 1.25 -1.13
CA TYR B 67 -15.28 1.29 -2.45
C TYR B 67 -16.68 0.72 -2.49
N THR B 68 -17.48 1.20 -3.43
CA THR B 68 -18.80 0.63 -3.64
C THR B 68 -19.19 0.80 -5.10
N GLU B 69 -20.02 -0.11 -5.58
CA GLU B 69 -20.57 0.02 -6.91
C GLU B 69 -21.54 1.19 -6.89
N PHE B 70 -21.54 2.00 -7.94
CA PHE B 70 -22.52 3.07 -8.07
C PHE B 70 -22.80 3.43 -9.53
N THR B 71 -23.98 3.99 -9.76
CA THR B 71 -24.29 4.51 -11.07
C THR B 71 -24.50 6.00 -10.94
N PRO B 72 -23.49 6.81 -11.36
CA PRO B 72 -23.57 8.25 -11.16
C PRO B 72 -24.65 8.89 -12.05
N THR B 73 -25.16 10.04 -11.61
CA THR B 73 -26.13 10.81 -12.38
C THR B 73 -25.71 12.28 -12.36
N GLU B 74 -26.46 13.09 -13.10
CA GLU B 74 -26.21 14.52 -13.15
C GLU B 74 -26.45 15.15 -11.79
N LYS B 75 -27.50 14.70 -11.11
CA LYS B 75 -27.97 15.33 -9.88
C LYS B 75 -27.30 14.81 -8.60
N ASP B 76 -27.06 13.50 -8.54
CA ASP B 76 -26.59 12.86 -7.31
C ASP B 76 -25.22 13.34 -6.87
N GLU B 77 -25.09 13.64 -5.58
CA GLU B 77 -23.81 14.06 -5.02
C GLU B 77 -23.20 12.93 -4.22
N TYR B 78 -21.90 12.70 -4.41
CA TYR B 78 -21.19 11.70 -3.63
C TYR B 78 -20.04 12.33 -2.86
N ALA B 79 -19.69 11.70 -1.75
CA ALA B 79 -18.60 12.21 -0.93
C ALA B 79 -18.00 11.09 -0.08
N CYS B 80 -16.84 11.37 0.49
CA CYS B 80 -16.21 10.48 1.45
C CYS B 80 -16.05 11.24 2.75
N ARG B 81 -16.46 10.62 3.85
CA ARG B 81 -16.35 11.24 5.17
C ARG B 81 -15.38 10.43 6.02
N VAL B 82 -14.34 11.10 6.51
CA VAL B 82 -13.27 10.43 7.21
C VAL B 82 -13.10 10.98 8.62
N ASN B 83 -13.02 10.08 9.59
CA ASN B 83 -12.70 10.51 10.94
C ASN B 83 -11.45 9.80 11.46
N HIS B 84 -10.62 10.54 12.18
CA HIS B 84 -9.34 10.03 12.67
C HIS B 84 -8.97 10.84 13.90
N VAL B 85 -8.09 10.28 14.73
CA VAL B 85 -7.70 10.96 15.96
C VAL B 85 -7.06 12.34 15.71
N THR B 86 -6.47 12.51 14.54
CA THR B 86 -5.82 13.76 14.17
C THR B 86 -6.79 14.86 13.75
N LEU B 87 -8.06 14.51 13.63
CA LEU B 87 -9.09 15.44 13.12
C LEU B 87 -10.04 15.91 14.24
N SER B 88 -10.16 17.22 14.39
CA SER B 88 -11.06 17.79 15.40
C SER B 88 -12.52 17.54 15.06
N GLN B 89 -12.81 17.37 13.79
CA GLN B 89 -14.13 16.97 13.33
C GLN B 89 -13.96 16.17 12.03
N PRO B 90 -14.94 15.33 11.68
CA PRO B 90 -14.79 14.51 10.46
C PRO B 90 -14.57 15.36 9.22
N LYS B 91 -13.68 14.91 8.34
CA LYS B 91 -13.37 15.66 7.13
C LYS B 91 -14.21 15.08 6.01
N ILE B 92 -14.89 15.95 5.27
CA ILE B 92 -15.69 15.53 4.13
C ILE B 92 -15.08 16.02 2.82
N VAL B 93 -14.85 15.09 1.91
CA VAL B 93 -14.30 15.42 0.60
C VAL B 93 -15.33 15.04 -0.44
N LYS B 94 -15.76 15.99 -1.26
CA LYS B 94 -16.79 15.70 -2.24
C LYS B 94 -16.19 15.06 -3.48
N TRP B 95 -16.96 14.18 -4.12
CA TRP B 95 -16.52 13.61 -5.40
C TRP B 95 -16.61 14.67 -6.49
N ASP B 96 -15.48 14.92 -7.13
CA ASP B 96 -15.43 15.78 -8.31
C ASP B 96 -15.00 14.87 -9.45
N ARG B 97 -15.87 14.70 -10.44
CA ARG B 97 -15.58 13.75 -11.50
C ARG B 97 -14.38 14.17 -12.36
N ASP B 98 -13.88 15.38 -12.13
CA ASP B 98 -12.70 15.88 -12.85
C ASP B 98 -11.43 15.78 -12.02
N MET B 99 -11.48 15.04 -10.92
CA MET B 99 -10.28 14.87 -10.08
C MET B 99 -10.03 13.41 -9.65
N LYS C 1 5.50 -17.32 -0.14
CA LYS C 1 5.92 -18.36 0.80
C LYS C 1 6.55 -17.69 2.02
N ARG C 2 5.87 -17.76 3.16
CA ARG C 2 6.31 -17.06 4.38
C ARG C 2 7.53 -17.68 5.04
N TRP C 3 8.24 -16.85 5.79
CA TRP C 3 9.39 -17.30 6.54
C TRP C 3 8.94 -17.99 7.82
N ILE C 4 9.54 -19.15 8.10
N ILE C 4 9.53 -19.16 8.10
CA ILE C 4 9.24 -19.91 9.32
CA ILE C 4 9.21 -19.90 9.31
C ILE C 4 10.37 -19.79 10.34
C ILE C 4 10.36 -19.81 10.34
N ILE C 5 10.02 -19.39 11.55
CA ILE C 5 11.00 -19.32 12.63
C ILE C 5 10.26 -19.43 13.96
N MET C 6 10.95 -19.90 15.00
CA MET C 6 10.28 -20.39 16.21
C MET C 6 10.38 -19.49 17.43
N GLY C 7 9.22 -19.01 17.88
CA GLY C 7 9.13 -18.20 19.08
C GLY C 7 10.06 -17.00 19.04
N LEU C 8 10.24 -16.47 17.83
CA LEU C 8 11.02 -15.25 17.64
C LEU C 8 10.33 -14.12 18.38
N ASN C 9 10.92 -13.72 19.50
CA ASN C 9 10.37 -12.65 20.30
C ASN C 9 11.33 -11.47 20.39
N LYS C 10 10.76 -10.28 20.56
CA LYS C 10 11.54 -9.06 20.74
C LYS C 10 12.00 -8.90 22.18
#